data_7UPO
#
_entry.id   7UPO
#
_cell.length_a   37.250
_cell.length_b   39.920
_cell.length_c   50.420
_cell.angle_alpha   88.974
_cell.angle_beta   105.789
_cell.angle_gamma   115.319
#
_symmetry.space_group_name_H-M   'P 1'
#
loop_
_entity.id
_entity.type
_entity.pdbx_description
1 polymer 'DHT03 protein A'
2 polymer 'DHT03 protein B'
3 polymer 'DHT03 protein C'
4 water water
#
loop_
_entity_poly.entity_id
_entity_poly.type
_entity_poly.pdbx_seq_one_letter_code
_entity_poly.pdbx_strand_id
1 'polypeptide(L)' GSSPEEEKLKELLKELKKVLDRLKKILERNDEEIKKSDELDDESLLEDIVELLKEIIKLWKILVELSDILLKLIS A
2 'polypeptide(L)' SSPVDEIDKEVKKLEEEAKKSQEEVERLKQEVEKASKAGLDHEGDSRIFKKIHDVVTKQIKVIIRLIEVYVRLVEIIL B
3 'polypeptide(L)' GSKQKEAIKVYLELLEVHSRVLKALIEQIKLFIELIKRPDEDLADKVRKSSEELKKIIKEVEKILRKVDDILYKVKS C
#
# COMPACT_ATOMS: atom_id res chain seq x y z
N SER A 2 -3.57 -30.81 8.57
CA SER A 2 -4.37 -29.84 7.82
C SER A 2 -5.83 -29.83 8.28
N SER A 3 -6.33 -28.66 8.61
CA SER A 3 -7.67 -28.46 9.13
C SER A 3 -8.41 -27.45 8.27
N PRO A 4 -9.74 -27.33 8.44
CA PRO A 4 -10.48 -26.36 7.61
C PRO A 4 -9.96 -24.93 7.69
N GLU A 5 -9.75 -24.41 8.90
CA GLU A 5 -9.31 -23.02 9.04
C GLU A 5 -7.90 -22.82 8.51
N GLU A 6 -7.03 -23.83 8.66
CA GLU A 6 -5.67 -23.71 8.13
C GLU A 6 -5.69 -23.77 6.60
N GLU A 7 -6.58 -24.59 6.02
CA GLU A 7 -6.71 -24.60 4.57
C GLU A 7 -7.24 -23.28 4.05
N LYS A 8 -8.20 -22.68 4.76
CA LYS A 8 -8.70 -21.37 4.35
C LYS A 8 -7.60 -20.33 4.39
N LEU A 9 -6.70 -20.42 5.36
CA LEU A 9 -5.59 -19.46 5.44
C LEU A 9 -4.58 -19.71 4.34
N LYS A 10 -4.30 -20.98 4.01
CA LYS A 10 -3.37 -21.29 2.95
C LYS A 10 -3.92 -20.89 1.58
N GLU A 11 -5.23 -20.99 1.39
CA GLU A 11 -5.83 -20.51 0.15
C GLU A 11 -5.70 -19.00 0.04
N LEU A 12 -6.01 -18.27 1.11
CA LEU A 12 -5.85 -16.82 1.10
C LEU A 12 -4.39 -16.42 0.97
N LEU A 13 -3.47 -17.23 1.52
CA LEU A 13 -2.05 -16.91 1.41
C LEU A 13 -1.57 -17.04 -0.02
N LYS A 14 -2.03 -18.08 -0.74
CA LYS A 14 -1.66 -18.23 -2.13
C LYS A 14 -2.31 -17.15 -3.00
N GLU A 15 -3.52 -16.71 -2.64
CA GLU A 15 -4.13 -15.59 -3.33
C GLU A 15 -3.39 -14.30 -3.03
N LEU A 16 -2.82 -14.17 -1.83
CA LEU A 16 -2.04 -13.00 -1.50
C LEU A 16 -0.74 -12.95 -2.29
N LYS A 17 -0.09 -14.11 -2.47
CA LYS A 17 1.11 -14.16 -3.30
C LYS A 17 0.78 -13.82 -4.75
N LYS A 18 -0.37 -14.28 -5.24
CA LYS A 18 -0.80 -13.94 -6.59
C LYS A 18 -0.99 -12.44 -6.73
N VAL A 19 -1.65 -11.82 -5.75
CA VAL A 19 -1.91 -10.38 -5.82
C VAL A 19 -0.62 -9.59 -5.76
N LEU A 20 0.30 -9.98 -4.87
CA LEU A 20 1.57 -9.28 -4.77
C LEU A 20 2.35 -9.37 -6.07
N ASP A 21 2.37 -10.56 -6.69
CA ASP A 21 3.08 -10.75 -7.95
C ASP A 21 2.54 -9.82 -9.02
N ARG A 22 1.21 -9.81 -9.20
CA ARG A 22 0.63 -8.96 -10.23
C ARG A 22 0.75 -7.48 -9.87
N LEU A 23 0.79 -7.16 -8.58
CA LEU A 23 0.99 -5.77 -8.18
C LEU A 23 2.37 -5.28 -8.58
N LYS A 24 3.40 -6.11 -8.38
CA LYS A 24 4.75 -5.73 -8.78
C LYS A 24 4.86 -5.59 -10.29
N LYS A 25 4.14 -6.42 -11.05
CA LYS A 25 4.12 -6.27 -12.50
C LYS A 25 3.50 -4.94 -12.90
N ILE A 26 2.47 -4.49 -12.16
CA ILE A 26 1.83 -3.22 -12.47
C ILE A 26 2.77 -2.06 -12.19
N LEU A 27 3.46 -2.09 -11.05
CA LEU A 27 4.41 -1.05 -10.73
C LEU A 27 5.51 -0.96 -11.78
N GLU A 28 5.95 -2.11 -12.30
CA GLU A 28 6.98 -2.12 -13.33
C GLU A 28 6.45 -1.58 -14.65
N ARG A 29 5.24 -1.96 -15.04
CA ARG A 29 4.66 -1.46 -16.28
C ARG A 29 4.42 0.04 -16.20
N ASN A 30 3.85 0.51 -15.10
CA ASN A 30 3.63 1.93 -14.91
C ASN A 30 4.95 2.70 -14.92
N ASP A 31 5.95 2.18 -14.20
CA ASP A 31 7.26 2.81 -14.22
C ASP A 31 7.86 2.78 -15.62
N GLU A 32 7.64 1.68 -16.35
CA GLU A 32 8.16 1.57 -17.70
C GLU A 32 7.48 2.56 -18.64
N GLU A 33 6.16 2.72 -18.51
CA GLU A 33 5.42 3.63 -19.38
C GLU A 33 5.75 5.08 -19.09
N ILE A 34 6.00 5.42 -17.84
CA ILE A 34 6.28 6.82 -17.49
C ILE A 34 7.71 7.19 -17.86
N LYS A 35 8.65 6.23 -17.86
CA LYS A 35 10.04 6.50 -18.20
C LYS A 35 10.23 6.90 -19.66
N LYS A 36 9.17 6.94 -20.47
CA LYS A 36 9.29 7.42 -21.84
C LYS A 36 9.47 8.92 -21.93
N SER A 37 9.35 9.64 -20.80
CA SER A 37 9.67 11.06 -20.70
C SER A 37 8.81 11.93 -21.61
N ASP A 38 9.17 13.21 -21.72
CA ASP A 38 8.50 14.20 -22.57
C ASP A 38 7.04 14.32 -22.10
N GLU A 39 6.09 14.43 -23.02
CA GLU A 39 4.70 14.63 -22.64
C GLU A 39 4.03 13.32 -22.28
N LEU A 40 3.16 13.36 -21.27
CA LEU A 40 2.43 12.19 -20.80
C LEU A 40 0.95 12.35 -21.13
N ASP A 41 0.36 11.29 -21.65
CA ASP A 41 -1.08 11.32 -21.95
C ASP A 41 -1.89 11.24 -20.66
N ASP A 42 -2.97 12.01 -20.62
CA ASP A 42 -3.79 12.07 -19.41
C ASP A 42 -4.66 10.82 -19.27
N GLU A 43 -5.19 10.32 -20.38
CA GLU A 43 -6.07 9.15 -20.32
C GLU A 43 -5.31 7.92 -19.84
N SER A 44 -4.17 7.62 -20.47
CA SER A 44 -3.39 6.44 -20.08
C SER A 44 -2.84 6.57 -18.67
N LEU A 45 -2.56 7.80 -18.22
CA LEU A 45 -2.06 8.00 -16.87
C LEU A 45 -3.12 7.62 -15.83
N LEU A 46 -4.36 8.08 -16.05
CA LEU A 46 -5.44 7.73 -15.13
C LEU A 46 -5.81 6.25 -15.25
N GLU A 47 -5.70 5.67 -16.44
CA GLU A 47 -6.00 4.24 -16.60
C GLU A 47 -4.97 3.39 -15.87
N ASP A 48 -3.69 3.76 -15.93
CA ASP A 48 -2.67 3.05 -15.17
C ASP A 48 -2.91 3.21 -13.67
N ILE A 49 -3.39 4.37 -13.25
CA ILE A 49 -3.74 4.57 -11.85
C ILE A 49 -4.93 3.70 -11.46
N VAL A 50 -5.92 3.60 -12.34
CA VAL A 50 -7.09 2.78 -12.07
C VAL A 50 -6.68 1.33 -11.83
N GLU A 51 -5.81 0.80 -12.70
CA GLU A 51 -5.38 -0.58 -12.55
C GLU A 51 -4.57 -0.78 -11.27
N LEU A 52 -3.77 0.22 -10.89
CA LEU A 52 -3.02 0.13 -9.65
C LEU A 52 -3.94 0.13 -8.44
N LEU A 53 -4.92 1.04 -8.43
CA LEU A 53 -5.84 1.15 -7.29
C LEU A 53 -6.64 -0.13 -7.11
N LYS A 54 -7.02 -0.78 -8.21
CA LYS A 54 -7.82 -2.00 -8.11
C LYS A 54 -7.05 -3.12 -7.40
N GLU A 55 -5.80 -3.34 -7.79
CA GLU A 55 -5.00 -4.36 -7.11
C GLU A 55 -4.71 -3.97 -5.67
N ILE A 56 -4.44 -2.68 -5.43
CA ILE A 56 -4.18 -2.20 -4.08
C ILE A 56 -5.39 -2.46 -3.19
N ILE A 57 -6.60 -2.25 -3.72
CA ILE A 57 -7.81 -2.49 -2.95
C ILE A 57 -7.98 -3.98 -2.64
N LYS A 58 -7.73 -4.83 -3.64
CA LYS A 58 -7.79 -6.27 -3.40
C LYS A 58 -6.75 -6.70 -2.38
N LEU A 59 -5.57 -6.09 -2.43
CA LEU A 59 -4.51 -6.40 -1.48
C LEU A 59 -4.96 -6.17 -0.05
N TRP A 60 -5.46 -4.96 0.25
CA TRP A 60 -5.88 -4.66 1.62
C TRP A 60 -7.02 -5.56 2.07
N LYS A 61 -7.94 -5.89 1.17
CA LYS A 61 -9.06 -6.74 1.53
C LYS A 61 -8.59 -8.12 1.98
N ILE A 62 -7.53 -8.65 1.35
CA ILE A 62 -7.00 -9.94 1.76
C ILE A 62 -6.29 -9.82 3.10
N LEU A 63 -5.60 -8.70 3.33
CA LEU A 63 -4.94 -8.50 4.62
C LEU A 63 -5.96 -8.42 5.75
N VAL A 64 -7.08 -7.73 5.52
CA VAL A 64 -8.12 -7.66 6.53
C VAL A 64 -8.67 -9.04 6.85
N GLU A 65 -8.92 -9.85 5.80
CA GLU A 65 -9.43 -11.19 6.03
C GLU A 65 -8.36 -12.11 6.61
N LEU A 66 -7.10 -11.90 6.25
CA LEU A 66 -6.02 -12.69 6.83
C LEU A 66 -5.86 -12.40 8.32
N SER A 67 -6.04 -11.14 8.72
CA SER A 67 -5.95 -10.78 10.13
C SER A 67 -7.06 -11.45 10.94
N ASP A 68 -8.26 -11.56 10.36
N ASP A 68 -8.25 -11.56 10.35
CA ASP A 68 -9.36 -12.21 11.07
CA ASP A 68 -9.36 -12.21 11.07
C ASP A 68 -9.11 -13.69 11.25
C ASP A 68 -9.10 -13.69 11.26
N ILE A 69 -8.59 -14.36 10.21
CA ILE A 69 -8.33 -15.80 10.32
C ILE A 69 -7.21 -16.07 11.30
N LEU A 70 -6.20 -15.20 11.33
CA LEU A 70 -5.09 -15.40 12.26
C LEU A 70 -5.54 -15.27 13.71
N LEU A 71 -6.45 -14.34 13.98
CA LEU A 71 -6.96 -14.20 15.35
C LEU A 71 -7.79 -15.42 15.75
N LYS A 72 -8.51 -16.02 14.80
CA LYS A 72 -9.24 -17.25 15.11
C LYS A 72 -8.27 -18.39 15.42
N LEU A 73 -7.20 -18.51 14.65
CA LEU A 73 -6.24 -19.60 14.86
C LEU A 73 -5.50 -19.43 16.18
N ILE A 74 -4.90 -18.26 16.41
CA ILE A 74 -4.22 -17.98 17.67
C ILE A 74 -5.20 -17.84 18.82
N SER A 75 -6.50 -17.77 18.54
CA SER A 75 -7.54 -17.65 19.55
C SER A 75 -7.37 -16.36 20.35
N SER B 1 18.77 -15.97 15.03
CA SER B 1 18.68 -17.39 15.33
C SER B 1 17.22 -17.86 15.32
N SER B 2 16.43 -17.35 16.25
CA SER B 2 15.03 -17.74 16.34
C SER B 2 14.25 -17.17 15.15
N PRO B 3 13.34 -17.96 14.56
CA PRO B 3 12.67 -17.47 13.34
C PRO B 3 11.74 -16.29 13.59
N VAL B 4 11.00 -16.30 14.69
CA VAL B 4 10.13 -15.16 15.00
C VAL B 4 10.97 -13.94 15.37
N ASP B 5 12.09 -14.15 16.06
CA ASP B 5 12.98 -13.05 16.40
C ASP B 5 13.67 -12.48 15.17
N GLU B 6 13.94 -13.32 14.16
CA GLU B 6 14.46 -12.82 12.90
C GLU B 6 13.44 -11.94 12.20
N ILE B 7 12.15 -12.30 12.29
CA ILE B 7 11.11 -11.48 11.71
C ILE B 7 10.95 -10.18 12.48
N ASP B 8 11.00 -10.26 13.82
CA ASP B 8 11.00 -9.05 14.63
C ASP B 8 12.13 -8.12 14.22
N LYS B 9 13.31 -8.67 13.99
CA LYS B 9 14.44 -7.88 13.50
C LYS B 9 14.15 -7.25 12.15
N GLU B 10 13.52 -8.02 11.24
CA GLU B 10 13.25 -7.50 9.91
C GLU B 10 12.18 -6.41 9.94
N VAL B 11 11.21 -6.51 10.83
CA VAL B 11 10.17 -5.48 10.92
C VAL B 11 10.76 -4.18 11.42
N LYS B 12 11.68 -4.23 12.39
CA LYS B 12 12.33 -3.02 12.88
C LYS B 12 13.13 -2.36 11.77
N LYS B 13 13.74 -3.15 10.88
CA LYS B 13 14.45 -2.58 9.74
C LYS B 13 13.48 -1.93 8.76
N LEU B 14 12.38 -2.60 8.45
CA LEU B 14 11.37 -2.02 7.57
C LEU B 14 10.69 -0.82 8.20
N GLU B 15 10.54 -0.82 9.54
CA GLU B 15 9.95 0.33 10.21
C GLU B 15 10.82 1.56 10.03
N GLU B 16 12.15 1.39 10.08
N GLU B 16 12.15 1.39 10.08
CA GLU B 16 13.06 2.50 9.84
CA GLU B 16 13.06 2.50 9.84
C GLU B 16 12.94 3.01 8.41
C GLU B 16 12.97 3.00 8.41
N GLU B 17 12.75 2.09 7.45
CA GLU B 17 12.55 2.51 6.06
C GLU B 17 11.26 3.29 5.91
N ALA B 18 10.24 2.95 6.68
CA ALA B 18 9.00 3.71 6.66
C ALA B 18 9.23 5.14 7.15
N LYS B 19 10.00 5.28 8.25
CA LYS B 19 10.31 6.61 8.75
C LYS B 19 11.08 7.42 7.71
N LYS B 20 12.04 6.79 7.03
CA LYS B 20 12.78 7.50 5.99
C LYS B 20 11.89 7.81 4.79
N SER B 21 10.96 6.91 4.48
CA SER B 21 10.00 7.19 3.41
C SER B 21 9.16 8.41 3.75
N GLN B 22 8.61 8.46 4.97
CA GLN B 22 7.79 9.59 5.37
C GLN B 22 8.58 10.88 5.31
N GLU B 23 9.87 10.83 5.68
CA GLU B 23 10.71 12.02 5.59
C GLU B 23 10.87 12.47 4.14
N GLU B 24 11.03 11.51 3.22
CA GLU B 24 11.13 11.86 1.81
C GLU B 24 9.79 12.40 1.30
N VAL B 25 8.68 11.87 1.81
CA VAL B 25 7.36 12.34 1.38
C VAL B 25 7.17 13.80 1.79
N GLU B 26 7.65 14.17 2.98
CA GLU B 26 7.49 15.55 3.42
C GLU B 26 8.33 16.51 2.59
N ARG B 27 9.51 16.08 2.14
CA ARG B 27 10.30 16.92 1.24
C ARG B 27 9.62 17.06 -0.11
N LEU B 28 8.96 16.00 -0.56
CA LEU B 28 8.23 16.07 -1.83
C LEU B 28 7.05 17.02 -1.74
N LYS B 29 6.25 16.89 -0.67
CA LYS B 29 5.08 17.75 -0.51
C LYS B 29 5.46 19.21 -0.49
N GLN B 30 6.63 19.54 0.08
CA GLN B 30 7.09 20.92 0.08
C GLN B 30 7.48 21.37 -1.33
N GLU B 31 8.08 20.48 -2.11
CA GLU B 31 8.47 20.84 -3.48
C GLU B 31 7.25 20.96 -4.38
N VAL B 32 6.27 20.06 -4.21
CA VAL B 32 5.04 20.13 -5.01
C VAL B 32 4.29 21.42 -4.71
N GLU B 33 4.19 21.77 -3.42
CA GLU B 33 3.53 23.03 -3.06
C GLU B 33 4.26 24.22 -3.65
N LYS B 34 5.60 24.18 -3.65
CA LYS B 34 6.37 25.24 -4.29
C LYS B 34 6.18 25.23 -5.80
N ALA B 35 6.03 24.05 -6.40
CA ALA B 35 5.76 23.97 -7.82
C ALA B 35 4.33 24.37 -8.15
N SER B 36 3.39 24.13 -7.22
CA SER B 36 2.00 24.51 -7.45
C SER B 36 1.84 26.01 -7.46
N LYS B 37 2.57 26.72 -6.58
CA LYS B 37 2.48 28.17 -6.51
C LYS B 37 3.25 28.89 -7.61
N ALA B 38 3.91 28.16 -8.50
CA ALA B 38 4.67 28.74 -9.59
C ALA B 38 4.08 28.32 -10.93
N GLY B 39 4.11 29.24 -11.89
CA GLY B 39 3.62 28.94 -13.23
C GLY B 39 4.52 27.96 -13.97
N LEU B 40 4.08 26.71 -14.06
CA LEU B 40 4.89 25.65 -14.63
C LEU B 40 4.47 25.33 -16.06
N ASP B 41 5.47 24.97 -16.86
CA ASP B 41 5.22 24.49 -18.21
C ASP B 41 4.63 23.08 -18.16
N HIS B 42 4.19 22.58 -19.32
CA HIS B 42 3.71 21.21 -19.39
C HIS B 42 4.84 20.22 -19.13
N GLU B 43 6.08 20.60 -19.47
CA GLU B 43 7.24 19.79 -19.11
C GLU B 43 7.58 19.91 -17.63
N GLY B 44 7.29 21.07 -17.03
CA GLY B 44 7.48 21.22 -15.60
C GLY B 44 6.51 20.36 -14.80
N ASP B 45 5.26 20.30 -15.25
CA ASP B 45 4.31 19.38 -14.64
C ASP B 45 4.71 17.93 -14.85
N SER B 46 5.45 17.65 -15.94
CA SER B 46 5.88 16.29 -16.21
C SER B 46 6.94 15.84 -15.20
N ARG B 47 7.96 16.65 -14.98
CA ARG B 47 9.01 16.26 -14.03
C ARG B 47 8.47 16.20 -12.61
N ILE B 48 7.48 17.02 -12.28
CA ILE B 48 6.88 16.97 -10.95
C ILE B 48 6.14 15.66 -10.77
N PHE B 49 5.35 15.25 -11.76
CA PHE B 49 4.62 13.99 -11.66
C PHE B 49 5.58 12.80 -11.59
N LYS B 50 6.64 12.83 -12.39
CA LYS B 50 7.63 11.75 -12.35
C LYS B 50 8.30 11.68 -10.99
N LYS B 51 8.54 12.83 -10.37
CA LYS B 51 9.09 12.86 -9.02
C LYS B 51 8.12 12.24 -8.03
N ILE B 52 6.83 12.61 -8.13
CA ILE B 52 5.81 12.04 -7.25
C ILE B 52 5.64 10.56 -7.50
N HIS B 53 5.73 10.15 -8.78
CA HIS B 53 5.56 8.74 -9.11
C HIS B 53 6.66 7.89 -8.48
N ASP B 54 7.90 8.39 -8.46
CA ASP B 54 8.98 7.62 -7.86
C ASP B 54 8.79 7.46 -6.35
N VAL B 55 8.30 8.51 -5.69
CA VAL B 55 8.09 8.42 -4.24
C VAL B 55 6.92 7.49 -3.93
N VAL B 56 5.86 7.54 -4.74
CA VAL B 56 4.74 6.62 -4.57
C VAL B 56 5.21 5.18 -4.75
N THR B 57 6.00 4.94 -5.80
CA THR B 57 6.47 3.58 -6.08
C THR B 57 7.37 3.05 -4.96
N LYS B 58 8.29 3.88 -4.48
CA LYS B 58 9.14 3.46 -3.37
C LYS B 58 8.31 3.11 -2.14
N GLN B 59 7.30 3.93 -1.84
CA GLN B 59 6.49 3.71 -0.64
C GLN B 59 5.72 2.39 -0.73
N ILE B 60 5.16 2.08 -1.90
CA ILE B 60 4.42 0.84 -2.06
C ILE B 60 5.36 -0.35 -1.96
N LYS B 61 6.58 -0.22 -2.48
CA LYS B 61 7.56 -1.30 -2.36
C LYS B 61 7.92 -1.57 -0.91
N VAL B 62 7.92 -0.54 -0.06
CA VAL B 62 8.12 -0.74 1.36
C VAL B 62 6.93 -1.51 1.94
N ILE B 63 5.72 -1.23 1.46
CA ILE B 63 4.54 -1.95 1.93
C ILE B 63 4.62 -3.42 1.52
N ILE B 64 5.04 -3.68 0.28
CA ILE B 64 5.12 -5.05 -0.22
C ILE B 64 6.11 -5.86 0.60
N ARG B 65 7.27 -5.27 0.90
CA ARG B 65 8.25 -5.98 1.73
C ARG B 65 7.70 -6.25 3.12
N LEU B 66 6.91 -5.31 3.66
CA LEU B 66 6.24 -5.56 4.93
C LEU B 66 5.29 -6.75 4.84
N ILE B 67 4.52 -6.83 3.76
CA ILE B 67 3.56 -7.92 3.61
C ILE B 67 4.29 -9.25 3.44
N GLU B 68 5.37 -9.26 2.65
CA GLU B 68 6.14 -10.49 2.48
C GLU B 68 6.75 -10.95 3.80
N VAL B 69 7.14 -10.01 4.66
CA VAL B 69 7.54 -10.36 6.01
C VAL B 69 6.34 -10.86 6.80
N TYR B 70 5.21 -10.16 6.67
CA TYR B 70 3.97 -10.59 7.31
C TYR B 70 3.62 -12.02 6.92
N VAL B 71 3.76 -12.35 5.63
CA VAL B 71 3.46 -13.71 5.16
C VAL B 71 4.37 -14.72 5.83
N ARG B 72 5.66 -14.39 5.96
CA ARG B 72 6.59 -15.29 6.64
C ARG B 72 6.17 -15.52 8.08
N LEU B 73 5.62 -14.48 8.74
CA LEU B 73 5.13 -14.64 10.10
C LEU B 73 4.00 -15.64 10.17
N VAL B 74 3.11 -15.63 9.18
CA VAL B 74 1.99 -16.56 9.16
C VAL B 74 2.47 -17.98 8.91
N GLU B 75 3.42 -18.15 8.00
CA GLU B 75 3.92 -19.47 7.66
C GLU B 75 4.72 -20.11 8.79
N ILE B 76 5.26 -19.30 9.70
CA ILE B 76 6.02 -19.85 10.83
C ILE B 76 5.10 -20.64 11.75
N ILE B 77 3.98 -20.04 12.14
CA ILE B 77 3.06 -20.70 13.07
C ILE B 77 2.28 -21.83 12.42
N LEU B 78 2.36 -21.96 11.09
CA LEU B 78 1.63 -23.02 10.41
C LEU B 78 2.53 -24.24 10.21
N SER C 2 -5.71 21.17 -15.49
CA SER C 2 -5.41 20.13 -16.47
C SER C 2 -5.53 18.75 -15.84
N LYS C 3 -5.68 17.72 -16.69
CA LYS C 3 -5.85 16.37 -16.17
C LYS C 3 -4.55 15.80 -15.60
N GLN C 4 -3.41 16.31 -16.06
CA GLN C 4 -2.15 15.88 -15.46
C GLN C 4 -2.01 16.41 -14.04
N LYS C 5 -2.51 17.62 -13.77
CA LYS C 5 -2.59 18.10 -12.40
C LYS C 5 -3.57 17.27 -11.59
N GLU C 6 -4.60 16.72 -12.24
CA GLU C 6 -5.57 15.89 -11.52
C GLU C 6 -4.95 14.57 -11.09
N ALA C 7 -4.11 13.98 -11.95
CA ALA C 7 -3.38 12.77 -11.55
C ALA C 7 -2.33 13.07 -10.49
N ILE C 8 -1.87 14.31 -10.40
CA ILE C 8 -0.95 14.69 -9.33
C ILE C 8 -1.68 14.72 -8.00
N LYS C 9 -2.90 15.23 -7.97
CA LYS C 9 -3.67 15.30 -6.73
C LYS C 9 -4.00 13.90 -6.21
N VAL C 10 -4.27 12.97 -7.12
CA VAL C 10 -4.57 11.60 -6.72
C VAL C 10 -3.37 10.96 -6.03
N TYR C 11 -2.18 11.12 -6.63
CA TYR C 11 -0.98 10.50 -6.06
C TYR C 11 -0.65 11.09 -4.69
N LEU C 12 -0.84 12.41 -4.53
CA LEU C 12 -0.64 13.02 -3.22
C LEU C 12 -1.63 12.47 -2.19
N GLU C 13 -2.86 12.19 -2.62
CA GLU C 13 -3.82 11.54 -1.73
C GLU C 13 -3.35 10.13 -1.36
N LEU C 14 -2.74 9.43 -2.32
CA LEU C 14 -2.29 8.07 -2.05
C LEU C 14 -1.12 8.05 -1.06
N LEU C 15 -0.23 9.04 -1.15
CA LEU C 15 0.89 9.11 -0.21
C LEU C 15 0.38 9.24 1.22
N GLU C 16 -0.60 10.12 1.45
CA GLU C 16 -1.15 10.29 2.79
C GLU C 16 -1.88 9.03 3.23
N VAL C 17 -2.54 8.34 2.29
CA VAL C 17 -3.24 7.11 2.62
C VAL C 17 -2.24 6.00 2.94
N HIS C 18 -1.24 5.82 2.09
CA HIS C 18 -0.30 4.72 2.26
C HIS C 18 0.55 4.89 3.51
N SER C 19 0.77 6.13 3.95
CA SER C 19 1.46 6.34 5.23
C SER C 19 0.68 5.70 6.37
N ARG C 20 -0.65 5.87 6.37
CA ARG C 20 -1.47 5.25 7.40
C ARG C 20 -1.61 3.76 7.20
N VAL C 21 -1.41 3.26 5.99
CA VAL C 21 -1.37 1.81 5.78
C VAL C 21 -0.08 1.23 6.36
N LEU C 22 1.04 1.90 6.13
CA LEU C 22 2.30 1.48 6.73
C LEU C 22 2.19 1.44 8.25
N LYS C 23 1.68 2.53 8.85
CA LYS C 23 1.57 2.60 10.30
C LYS C 23 0.67 1.50 10.84
N ALA C 24 -0.45 1.24 10.16
CA ALA C 24 -1.38 0.22 10.64
C ALA C 24 -0.81 -1.18 10.44
N LEU C 25 -0.13 -1.42 9.32
CA LEU C 25 0.40 -2.75 9.05
C LEU C 25 1.54 -3.10 9.99
N ILE C 26 2.39 -2.11 10.34
CA ILE C 26 3.47 -2.37 11.27
C ILE C 26 2.92 -2.71 12.66
N GLU C 27 1.87 -2.00 13.08
CA GLU C 27 1.26 -2.29 14.38
C GLU C 27 0.72 -3.72 14.43
N GLN C 28 0.03 -4.15 13.36
CA GLN C 28 -0.57 -5.48 13.37
C GLN C 28 0.50 -6.56 13.41
N ILE C 29 1.61 -6.36 12.71
CA ILE C 29 2.68 -7.37 12.71
C ILE C 29 3.30 -7.48 14.10
N LYS C 30 3.57 -6.34 14.74
CA LYS C 30 4.10 -6.36 16.10
C LYS C 30 3.12 -7.02 17.06
N LEU C 31 1.83 -6.76 16.89
CA LEU C 31 0.83 -7.35 17.77
C LEU C 31 0.78 -8.87 17.63
N PHE C 32 0.89 -9.36 16.39
CA PHE C 32 0.90 -10.81 16.18
C PHE C 32 2.18 -11.44 16.69
N ILE C 33 3.31 -10.74 16.59
CA ILE C 33 4.56 -11.25 17.15
C ILE C 33 4.40 -11.54 18.64
N GLU C 34 3.75 -10.63 19.36
CA GLU C 34 3.53 -10.84 20.79
C GLU C 34 2.40 -11.83 21.05
N LEU C 35 1.37 -11.85 20.20
CA LEU C 35 0.29 -12.82 20.38
C LEU C 35 0.77 -14.24 20.15
N ILE C 36 1.67 -14.44 19.18
CA ILE C 36 2.24 -15.77 18.95
C ILE C 36 3.13 -16.18 20.11
N LYS C 37 3.89 -15.23 20.67
CA LYS C 37 4.70 -15.54 21.83
C LYS C 37 3.86 -15.72 23.08
N ARG C 38 2.81 -14.91 23.22
CA ARG C 38 1.92 -15.02 24.38
C ARG C 38 0.54 -14.46 24.05
N PRO C 39 -0.51 -15.28 24.13
CA PRO C 39 -1.86 -14.78 23.86
C PRO C 39 -2.32 -13.78 24.91
N ASP C 40 -3.00 -12.74 24.46
CA ASP C 40 -3.53 -11.71 25.34
C ASP C 40 -4.75 -11.08 24.67
N GLU C 41 -5.86 -11.00 25.42
CA GLU C 41 -7.09 -10.49 24.84
C GLU C 41 -7.00 -9.00 24.53
N ASP C 42 -6.29 -8.24 25.37
CA ASP C 42 -6.08 -6.82 25.08
C ASP C 42 -5.29 -6.64 23.79
N LEU C 43 -4.31 -7.51 23.54
CA LEU C 43 -3.59 -7.47 22.28
C LEU C 43 -4.50 -7.85 21.11
N ALA C 44 -5.34 -8.86 21.31
CA ALA C 44 -6.28 -9.25 20.25
C ALA C 44 -7.28 -8.14 19.96
N ASP C 45 -7.67 -7.38 20.99
CA ASP C 45 -8.62 -6.29 20.78
C ASP C 45 -8.02 -5.19 19.92
N LYS C 46 -6.77 -4.81 20.20
CA LYS C 46 -6.15 -3.77 19.39
C LYS C 46 -5.74 -4.26 18.01
N VAL C 47 -5.70 -5.58 17.79
CA VAL C 47 -5.59 -6.10 16.43
C VAL C 47 -6.89 -5.85 15.68
N ARG C 48 -8.02 -6.16 16.33
CA ARG C 48 -9.32 -5.88 15.73
C ARG C 48 -9.50 -4.39 15.48
N LYS C 49 -8.99 -3.56 16.39
CA LYS C 49 -9.06 -2.11 16.18
C LYS C 49 -8.26 -1.69 14.97
N SER C 50 -7.03 -2.21 14.84
CA SER C 50 -6.20 -1.86 13.69
C SER C 50 -6.78 -2.44 12.40
N SER C 51 -7.44 -3.59 12.47
CA SER C 51 -8.11 -4.13 11.30
C SER C 51 -9.26 -3.25 10.87
N GLU C 52 -10.01 -2.70 11.83
CA GLU C 52 -11.11 -1.80 11.48
C GLU C 52 -10.58 -0.50 10.90
N GLU C 53 -9.43 -0.02 11.39
CA GLU C 53 -8.81 1.15 10.78
C GLU C 53 -8.44 0.88 9.33
N LEU C 54 -7.94 -0.32 9.04
CA LEU C 54 -7.61 -0.68 7.66
C LEU C 54 -8.86 -0.75 6.79
N LYS C 55 -10.00 -1.16 7.37
CA LYS C 55 -11.23 -1.20 6.59
C LYS C 55 -11.66 0.19 6.16
N LYS C 56 -11.51 1.18 7.05
CA LYS C 56 -11.84 2.56 6.68
C LYS C 56 -10.89 3.09 5.62
N ILE C 57 -9.62 2.68 5.66
CA ILE C 57 -8.68 3.08 4.63
C ILE C 57 -9.07 2.49 3.28
N ILE C 58 -9.53 1.24 3.28
CA ILE C 58 -10.04 0.63 2.05
C ILE C 58 -11.14 1.50 1.46
N LYS C 59 -12.08 1.95 2.30
CA LYS C 59 -13.16 2.78 1.81
C LYS C 59 -12.65 4.10 1.24
N GLU C 60 -11.58 4.64 1.83
CA GLU C 60 -10.99 5.86 1.29
C GLU C 60 -10.36 5.62 -0.07
N VAL C 61 -9.74 4.45 -0.26
CA VAL C 61 -9.14 4.15 -1.54
C VAL C 61 -10.21 3.86 -2.59
N GLU C 62 -11.33 3.27 -2.17
CA GLU C 62 -12.44 3.06 -3.10
C GLU C 62 -13.05 4.39 -3.52
N LYS C 63 -13.09 5.37 -2.61
CA LYS C 63 -13.56 6.70 -2.98
C LYS C 63 -12.61 7.37 -3.97
N ILE C 64 -11.30 7.25 -3.74
CA ILE C 64 -10.33 7.76 -4.69
C ILE C 64 -10.55 7.13 -6.06
N LEU C 65 -10.77 5.81 -6.09
CA LEU C 65 -10.95 5.12 -7.36
C LEU C 65 -12.21 5.60 -8.08
N ARG C 66 -13.31 5.75 -7.33
CA ARG C 66 -14.55 6.24 -7.94
C ARG C 66 -14.36 7.61 -8.56
N LYS C 67 -13.66 8.51 -7.85
N LYS C 67 -13.66 8.50 -7.85
CA LYS C 67 -13.44 9.85 -8.38
CA LYS C 67 -13.44 9.85 -8.37
C LYS C 67 -12.58 9.81 -9.63
C LYS C 67 -12.56 9.84 -9.62
N VAL C 68 -11.61 8.90 -9.69
CA VAL C 68 -10.80 8.79 -10.90
C VAL C 68 -11.60 8.19 -12.04
N ASP C 69 -12.47 7.21 -11.74
CA ASP C 69 -13.34 6.66 -12.76
C ASP C 69 -14.30 7.72 -13.29
N ASP C 70 -14.74 8.64 -12.42
CA ASP C 70 -15.58 9.73 -12.88
C ASP C 70 -14.86 10.59 -13.92
N ILE C 71 -13.58 10.87 -13.68
CA ILE C 71 -12.80 11.65 -14.64
C ILE C 71 -12.60 10.87 -15.93
N LEU C 72 -12.21 9.60 -15.81
CA LEU C 72 -12.00 8.77 -17.00
C LEU C 72 -13.27 8.65 -17.84
N TYR C 73 -14.42 8.50 -17.18
CA TYR C 73 -15.68 8.41 -17.91
C TYR C 73 -15.96 9.70 -18.67
N LYS C 74 -15.68 10.85 -18.05
CA LYS C 74 -15.90 12.12 -18.72
C LYS C 74 -14.86 12.36 -19.81
N VAL C 75 -13.64 11.86 -19.63
CA VAL C 75 -12.61 12.02 -20.65
C VAL C 75 -12.95 11.20 -21.89
N LYS C 76 -13.30 9.93 -21.71
CA LYS C 76 -13.65 9.06 -22.82
C LYS C 76 -14.98 9.41 -23.46
N SER C 77 -15.73 10.37 -22.90
CA SER C 77 -17.05 10.71 -23.40
C SER C 77 -17.00 11.53 -24.69
#